data_4TT2
#
_entry.id   4TT2
#
_cell.length_a   77.550
_cell.length_b   77.550
_cell.length_c   62.440
_cell.angle_alpha   90.000
_cell.angle_beta   90.000
_cell.angle_gamma   90.000
#
_symmetry.space_group_name_H-M   'P 42 21 2'
#
loop_
_entity.id
_entity.type
_entity.pdbx_description
1 polymer 'ATPase family AAA domain-containing protein 2'
2 polymer 'Histone H4K5Ac'
3 water water
#
loop_
_entity_poly.entity_id
_entity_poly.type
_entity_poly.pdbx_seq_one_letter_code
_entity_poly.pdbx_strand_id
1 'polypeptide(L)'
;SMQEEDTFRELRIFLRNVTHRLAIDKRFRVFTKPVDPDEVPDYVTVIKQPMDLSSVISKIDLHKYLTVKDYLRDIDLICS
NALEYNPDRDPGDRLIRHRACALRDTAYAIIKEELDEDFEQLCEEIQESR
;
A
2 'polypeptide(L)' SGRG(ALY)G P
#
# COMPACT_ATOMS: atom_id res chain seq x y z
N SER A 1 6.03 29.87 -4.49
CA SER A 1 6.36 28.42 -4.42
C SER A 1 5.22 27.53 -4.92
N MET A 2 4.76 27.78 -6.14
CA MET A 2 3.86 26.87 -6.84
C MET A 2 4.63 25.63 -7.29
N GLN A 3 5.94 25.77 -7.46
CA GLN A 3 6.80 24.64 -7.83
C GLN A 3 6.73 23.51 -6.81
N GLU A 4 6.62 23.86 -5.53
CA GLU A 4 6.43 22.85 -4.49
C GLU A 4 5.05 22.18 -4.59
N GLU A 5 4.03 22.97 -4.90
CA GLU A 5 2.69 22.42 -5.14
C GLU A 5 2.60 21.62 -6.44
N ASP A 6 3.36 22.04 -7.46
CA ASP A 6 3.46 21.28 -8.71
C ASP A 6 4.19 19.97 -8.48
N THR A 7 5.21 20.00 -7.62
CA THR A 7 5.92 18.78 -7.23
C THR A 7 4.98 17.82 -6.51
N PHE A 8 4.19 18.34 -5.57
CA PHE A 8 3.23 17.52 -4.84
C PHE A 8 2.06 17.06 -5.70
N ARG A 9 1.67 17.89 -6.67
CA ARG A 9 0.68 17.47 -7.67
C ARG A 9 1.23 16.31 -8.48
N GLU A 10 2.45 16.49 -8.99
CA GLU A 10 3.12 15.49 -9.82
C GLU A 10 3.31 14.17 -9.07
N LEU A 11 3.65 14.26 -7.79
CA LEU A 11 3.81 13.08 -6.95
C LEU A 11 2.48 12.33 -6.81
N ARG A 12 1.43 13.05 -6.44
CA ARG A 12 0.11 12.43 -6.27
C ARG A 12 -0.35 11.71 -7.54
N ILE A 13 -0.21 12.37 -8.67
CA ILE A 13 -0.59 11.81 -9.96
C ILE A 13 0.17 10.50 -10.20
N PHE A 14 1.47 10.52 -9.96
CA PHE A 14 2.28 9.31 -10.07
C PHE A 14 1.76 8.19 -9.17
N LEU A 15 1.56 8.52 -7.89
CA LEU A 15 1.11 7.54 -6.90
C LEU A 15 -0.27 6.95 -7.23
N ARG A 16 -1.12 7.75 -7.88
CA ARG A 16 -2.43 7.26 -8.32
C ARG A 16 -2.29 6.22 -9.43
N ASN A 17 -1.39 6.49 -10.36
CA ASN A 17 -1.12 5.57 -11.46
C ASN A 17 -0.57 4.24 -10.95
N VAL A 18 0.28 4.29 -9.93
CA VAL A 18 0.86 3.08 -9.34
C VAL A 18 -0.23 2.31 -8.60
N THR A 19 -0.95 2.99 -7.72
CA THR A 19 -2.02 2.37 -6.94
C THR A 19 -3.15 1.84 -7.84
N HIS A 20 -3.42 2.53 -8.93
CA HIS A 20 -4.38 2.06 -9.93
C HIS A 20 -3.91 0.72 -10.51
N ARG A 21 -2.66 0.66 -10.96
CA ARG A 21 -2.10 -0.55 -11.56
C ARG A 21 -2.15 -1.76 -10.63
N LEU A 22 -1.96 -1.51 -9.33
CA LEU A 22 -2.05 -2.57 -8.32
C LEU A 22 -3.50 -3.00 -8.11
N ALA A 23 -4.40 -2.02 -8.08
CA ALA A 23 -5.80 -2.27 -7.77
C ALA A 23 -6.55 -2.99 -8.89
N ILE A 24 -6.13 -2.77 -10.15
CA ILE A 24 -6.72 -3.46 -11.30
C ILE A 24 -6.12 -4.85 -11.52
N ASP A 25 -5.05 -5.17 -10.81
CA ASP A 25 -4.42 -6.48 -10.90
C ASP A 25 -5.27 -7.51 -10.15
N LYS A 26 -5.56 -8.63 -10.81
CA LYS A 26 -6.45 -9.67 -10.27
C LYS A 26 -5.89 -10.31 -9.00
N ARG A 27 -4.57 -10.35 -8.89
CA ARG A 27 -3.89 -10.99 -7.76
C ARG A 27 -4.13 -10.24 -6.46
N PHE A 28 -4.28 -8.93 -6.55
CA PHE A 28 -4.32 -8.09 -5.36
C PHE A 28 -5.74 -7.61 -5.01
N ARG A 29 -6.75 -8.15 -5.67
CA ARG A 29 -8.15 -7.81 -5.39
C ARG A 29 -8.49 -7.91 -3.90
N VAL A 30 -7.96 -8.94 -3.23
CA VAL A 30 -8.15 -9.11 -1.79
C VAL A 30 -7.65 -7.92 -0.97
N PHE A 31 -6.68 -7.18 -1.49
CA PHE A 31 -6.15 -6.00 -0.82
C PHE A 31 -6.81 -4.68 -1.25
N THR A 32 -7.84 -4.74 -2.09
CA THR A 32 -8.53 -3.53 -2.52
C THR A 32 -9.62 -3.13 -1.52
N LYS A 33 -10.12 -4.10 -0.75
CA LYS A 33 -11.18 -3.86 0.22
C LYS A 33 -10.63 -4.04 1.63
N PRO A 34 -11.32 -3.48 2.63
CA PRO A 34 -11.01 -3.86 4.00
C PRO A 34 -11.36 -5.32 4.25
N VAL A 35 -10.83 -5.88 5.35
CA VAL A 35 -11.09 -7.26 5.72
C VAL A 35 -12.53 -7.40 6.24
N ASP A 36 -13.24 -8.39 5.73
CA ASP A 36 -14.63 -8.65 6.08
C ASP A 36 -14.73 -9.05 7.56
N PRO A 37 -15.34 -8.20 8.41
CA PRO A 37 -15.47 -8.55 9.82
C PRO A 37 -16.32 -9.80 10.07
N ASP A 38 -17.36 -10.00 9.25
CA ASP A 38 -18.24 -11.16 9.40
C ASP A 38 -17.55 -12.47 8.98
N GLU A 39 -16.70 -12.41 7.96
CA GLU A 39 -15.99 -13.60 7.46
C GLU A 39 -14.73 -13.89 8.27
N VAL A 40 -14.01 -12.85 8.66
CA VAL A 40 -12.80 -12.99 9.45
C VAL A 40 -12.95 -12.21 10.76
N PRO A 41 -13.71 -12.78 11.72
CA PRO A 41 -14.04 -12.08 12.96
C PRO A 41 -12.85 -11.82 13.88
N ASP A 42 -11.81 -12.65 13.77
CA ASP A 42 -10.61 -12.49 14.59
C ASP A 42 -9.55 -11.57 13.98
N TYR A 43 -9.80 -11.03 12.79
CA TYR A 43 -8.82 -10.17 12.14
C TYR A 43 -8.49 -8.93 12.99
N VAL A 44 -9.51 -8.28 13.50
CA VAL A 44 -9.32 -7.07 14.33
C VAL A 44 -8.53 -7.34 15.61
N THR A 45 -8.62 -8.55 16.15
CA THR A 45 -7.90 -8.89 17.38
C THR A 45 -6.40 -9.09 17.11
N VAL A 46 -6.03 -9.39 15.88
CA VAL A 46 -4.62 -9.54 15.49
C VAL A 46 -4.03 -8.22 14.98
N ILE A 47 -4.69 -7.64 13.98
CA ILE A 47 -4.23 -6.42 13.30
C ILE A 47 -4.88 -5.18 13.89
N LYS A 48 -4.06 -4.29 14.45
CA LYS A 48 -4.54 -3.06 15.09
C LYS A 48 -4.53 -1.87 14.12
N GLN A 49 -3.75 -1.97 13.06
CA GLN A 49 -3.60 -0.86 12.12
C GLN A 49 -3.83 -1.35 10.68
N PRO A 50 -5.10 -1.58 10.32
CA PRO A 50 -5.44 -2.13 9.00
C PRO A 50 -5.11 -1.19 7.86
N MET A 51 -4.76 -1.75 6.71
CA MET A 51 -4.51 -0.96 5.51
C MET A 51 -4.95 -1.74 4.28
N ASP A 52 -5.50 -1.02 3.30
CA ASP A 52 -5.84 -1.60 1.99
C ASP A 52 -5.71 -0.52 0.91
N LEU A 53 -5.85 -0.90 -0.34
CA LEU A 53 -5.61 0.01 -1.46
C LEU A 53 -6.73 1.05 -1.67
N SER A 54 -7.92 0.82 -1.10
CA SER A 54 -8.96 1.85 -1.09
C SER A 54 -8.56 2.97 -0.15
N SER A 55 -8.03 2.60 1.02
CA SER A 55 -7.54 3.57 2.00
C SER A 55 -6.41 4.40 1.41
N VAL A 56 -5.55 3.75 0.64
CA VAL A 56 -4.39 4.40 0.04
C VAL A 56 -4.80 5.45 -0.99
N ILE A 57 -5.75 5.10 -1.86
CA ILE A 57 -6.27 6.03 -2.87
C ILE A 57 -6.91 7.24 -2.19
N SER A 58 -7.62 7.00 -1.10
CA SER A 58 -8.24 8.07 -0.31
C SER A 58 -7.18 8.99 0.28
N LYS A 59 -6.13 8.42 0.86
CA LYS A 59 -5.05 9.20 1.47
C LYS A 59 -4.24 10.01 0.44
N ILE A 60 -4.13 9.50 -0.78
CA ILE A 60 -3.50 10.26 -1.87
C ILE A 60 -4.26 11.55 -2.13
N ASP A 61 -5.58 11.46 -2.20
CA ASP A 61 -6.44 12.62 -2.48
C ASP A 61 -6.53 13.58 -1.29
N LEU A 62 -6.29 13.06 -0.08
CA LEU A 62 -6.28 13.88 1.14
C LEU A 62 -4.92 14.53 1.44
N HIS A 63 -3.93 14.28 0.57
CA HIS A 63 -2.60 14.88 0.67
C HIS A 63 -1.81 14.34 1.87
N LYS A 64 -2.04 13.07 2.21
CA LYS A 64 -1.33 12.41 3.32
C LYS A 64 0.07 11.92 2.91
N TYR A 65 0.30 11.74 1.62
CA TYR A 65 1.62 11.31 1.12
C TYR A 65 2.41 12.46 0.47
N LEU A 66 3.44 12.93 1.18
CA LEU A 66 4.32 13.98 0.68
C LEU A 66 5.62 13.41 0.11
N THR A 67 5.91 12.14 0.42
CA THR A 67 7.10 11.47 -0.08
C THR A 67 6.76 10.04 -0.48
N VAL A 68 7.62 9.44 -1.30
CA VAL A 68 7.45 8.05 -1.72
C VAL A 68 7.63 7.11 -0.55
N LYS A 69 8.53 7.44 0.37
CA LYS A 69 8.68 6.71 1.63
C LYS A 69 7.36 6.63 2.39
N ASP A 70 6.62 7.75 2.46
CA ASP A 70 5.33 7.77 3.16
C ASP A 70 4.33 6.81 2.50
N TYR A 71 4.27 6.86 1.17
CA TYR A 71 3.41 5.96 0.42
C TYR A 71 3.80 4.49 0.64
N LEU A 72 5.08 4.19 0.48
CA LEU A 72 5.57 2.82 0.63
C LEU A 72 5.49 2.27 2.05
N ARG A 73 5.37 3.15 3.05
CA ARG A 73 5.17 2.68 4.43
C ARG A 73 3.80 2.01 4.56
N ASP A 74 2.80 2.55 3.86
CA ASP A 74 1.46 1.96 3.87
C ASP A 74 1.39 0.71 3.01
N ILE A 75 2.10 0.71 1.88
CA ILE A 75 2.22 -0.50 1.07
C ILE A 75 2.84 -1.62 1.91
N ASP A 76 3.90 -1.29 2.64
CA ASP A 76 4.55 -2.25 3.53
C ASP A 76 3.59 -2.71 4.62
N LEU A 77 2.79 -1.79 5.14
CA LEU A 77 1.82 -2.11 6.17
C LEU A 77 0.80 -3.13 5.67
N ILE A 78 0.35 -3.00 4.43
CA ILE A 78 -0.55 -3.97 3.82
C ILE A 78 0.09 -5.36 3.80
N CYS A 79 1.36 -5.43 3.43
CA CYS A 79 2.07 -6.70 3.34
C CYS A 79 2.33 -7.31 4.72
N SER A 80 2.90 -6.53 5.63
CA SER A 80 3.22 -7.05 6.97
C SER A 80 1.96 -7.49 7.73
N ASN A 81 0.84 -6.77 7.56
CA ASN A 81 -0.44 -7.20 8.12
C ASN A 81 -0.85 -8.58 7.61
N ALA A 82 -0.72 -8.79 6.30
CA ALA A 82 -1.04 -10.07 5.69
C ALA A 82 -0.12 -11.21 6.19
N LEU A 83 1.16 -10.92 6.30
CA LEU A 83 2.12 -11.90 6.83
C LEU A 83 2.00 -12.08 8.34
N GLU A 84 1.51 -11.06 9.03
CA GLU A 84 1.27 -11.13 10.47
C GLU A 84 0.03 -11.95 10.78
N TYR A 85 -1.05 -11.72 10.02
CA TYR A 85 -2.32 -12.39 10.29
C TYR A 85 -2.34 -13.85 9.82
N ASN A 86 -2.11 -14.05 8.53
CA ASN A 86 -2.29 -15.37 7.93
C ASN A 86 -1.20 -16.36 8.35
N PRO A 87 -1.60 -17.58 8.77
CA PRO A 87 -0.61 -18.60 9.10
C PRO A 87 -0.03 -19.21 7.82
N ASP A 88 0.97 -20.08 7.95
CA ASP A 88 1.64 -20.66 6.79
C ASP A 88 1.28 -22.14 6.67
N ARG A 89 -0.01 -22.44 6.79
CA ARG A 89 -0.50 -23.82 6.82
C ARG A 89 -1.23 -24.19 5.53
N ASP A 90 -2.51 -23.81 5.44
CA ASP A 90 -3.38 -24.17 4.31
C ASP A 90 -2.84 -23.52 3.02
N PRO A 91 -3.14 -24.13 1.84
CA PRO A 91 -2.71 -23.49 0.59
C PRO A 91 -3.34 -22.11 0.33
N GLY A 92 -4.54 -21.87 0.86
CA GLY A 92 -5.17 -20.55 0.77
C GLY A 92 -4.40 -19.50 1.56
N ASP A 93 -3.86 -19.92 2.70
CA ASP A 93 -3.00 -19.07 3.51
C ASP A 93 -1.72 -18.70 2.75
N ARG A 94 -1.12 -19.68 2.08
CA ARG A 94 0.14 -19.46 1.35
C ARG A 94 -0.07 -18.63 0.08
N LEU A 95 -1.22 -18.80 -0.55
CA LEU A 95 -1.59 -18.00 -1.71
C LEU A 95 -1.67 -16.52 -1.34
N ILE A 96 -2.39 -16.20 -0.26
CA ILE A 96 -2.55 -14.81 0.14
C ILE A 96 -1.24 -14.17 0.62
N ARG A 97 -0.44 -14.93 1.38
CA ARG A 97 0.86 -14.44 1.85
C ARG A 97 1.78 -14.12 0.68
N HIS A 98 1.76 -14.96 -0.35
CA HIS A 98 2.56 -14.76 -1.55
C HIS A 98 2.11 -13.55 -2.34
N ARG A 99 0.79 -13.35 -2.42
CA ARG A 99 0.23 -12.18 -3.12
C ARG A 99 0.60 -10.88 -2.41
N ALA A 100 0.70 -10.93 -1.08
CA ALA A 100 1.08 -9.77 -0.27
C ALA A 100 2.52 -9.35 -0.53
N CYS A 101 3.43 -10.31 -0.58
CA CYS A 101 4.82 -10.05 -0.97
C CYS A 101 4.89 -9.55 -2.41
N ALA A 102 4.09 -10.17 -3.29
CA ALA A 102 4.02 -9.77 -4.68
C ALA A 102 3.55 -8.32 -4.82
N LEU A 103 2.53 -7.95 -4.05
CA LEU A 103 2.05 -6.57 -4.01
C LEU A 103 3.16 -5.60 -3.64
N ARG A 104 3.84 -5.88 -2.52
CA ARG A 104 4.98 -5.10 -2.06
C ARG A 104 6.07 -5.02 -3.14
N ASP A 105 6.53 -6.18 -3.60
CA ASP A 105 7.60 -6.21 -4.60
C ASP A 105 7.21 -5.47 -5.87
N THR A 106 5.98 -5.67 -6.33
CA THR A 106 5.50 -5.00 -7.54
C THR A 106 5.52 -3.48 -7.38
N ALA A 107 5.05 -3.00 -6.24
CA ALA A 107 5.07 -1.57 -5.94
C ALA A 107 6.50 -1.00 -5.96
N TYR A 108 7.40 -1.64 -5.22
CA TYR A 108 8.81 -1.22 -5.19
C TYR A 108 9.46 -1.29 -6.57
N ALA A 109 9.09 -2.30 -7.35
CA ALA A 109 9.65 -2.49 -8.68
C ALA A 109 9.22 -1.38 -9.63
N ILE A 110 7.93 -1.07 -9.62
CA ILE A 110 7.37 -0.01 -10.47
C ILE A 110 8.04 1.33 -10.13
N ILE A 111 8.13 1.63 -8.84
CA ILE A 111 8.72 2.88 -8.38
C ILE A 111 10.20 2.93 -8.75
N LYS A 112 10.95 1.86 -8.51
CA LYS A 112 12.37 1.80 -8.86
C LYS A 112 12.61 2.11 -10.34
N GLU A 113 11.74 1.59 -11.21
CA GLU A 113 11.96 1.70 -12.65
C GLU A 113 11.38 2.99 -13.26
N GLU A 114 10.47 3.65 -12.56
CA GLU A 114 9.76 4.81 -13.12
C GLU A 114 9.96 6.13 -12.36
N LEU A 115 10.46 6.07 -11.14
CA LEU A 115 10.63 7.26 -10.33
C LEU A 115 12.04 7.80 -10.53
N ASP A 116 12.13 9.08 -10.86
CA ASP A 116 13.42 9.74 -10.95
C ASP A 116 13.91 10.01 -9.54
N GLU A 117 15.16 9.63 -9.27
CA GLU A 117 15.76 9.79 -7.94
C GLU A 117 15.77 11.24 -7.45
N ASP A 118 16.02 12.16 -8.38
CA ASP A 118 16.10 13.58 -8.04
C ASP A 118 14.72 14.16 -7.73
N PHE A 119 13.67 13.58 -8.32
CA PHE A 119 12.31 13.96 -7.99
C PHE A 119 11.89 13.42 -6.61
N GLU A 120 12.24 12.17 -6.31
CA GLU A 120 12.00 11.59 -4.99
C GLU A 120 12.72 12.40 -3.92
N GLN A 121 13.97 12.74 -4.21
CA GLN A 121 14.80 13.50 -3.30
C GLN A 121 14.25 14.89 -3.05
N LEU A 122 13.69 15.51 -4.09
CA LEU A 122 13.07 16.83 -3.97
C LEU A 122 11.92 16.81 -2.97
N CYS A 123 11.03 15.84 -3.14
CA CYS A 123 9.87 15.70 -2.26
C CYS A 123 10.28 15.50 -0.79
N GLU A 124 11.31 14.70 -0.58
CA GLU A 124 11.87 14.46 0.75
C GLU A 124 12.35 15.77 1.40
N GLU A 125 12.98 16.63 0.60
CA GLU A 125 13.55 17.90 1.09
C GLU A 125 12.50 18.98 1.36
N ILE A 126 11.42 18.98 0.58
CA ILE A 126 10.33 19.93 0.78
C ILE A 126 9.63 19.66 2.11
N GLN A 127 9.35 18.39 2.42
CA GLN A 127 8.62 18.06 3.64
C GLN A 127 9.48 18.31 4.90
N GLU A 128 10.79 18.09 4.79
CA GLU A 128 11.72 18.42 5.88
C GLU A 128 11.80 19.92 6.13
N SER A 129 11.72 20.71 5.05
CA SER A 129 11.75 22.18 5.17
C SER A 129 10.53 22.72 5.90
N ARG A 130 9.38 22.05 5.73
CA ARG A 130 8.16 22.41 6.43
C ARG A 130 8.21 21.98 7.89
N SER B 1 -13.74 -17.19 14.74
CA SER B 1 -12.88 -18.15 13.97
C SER B 1 -11.44 -18.09 14.45
N GLY B 2 -10.67 -19.12 14.11
CA GLY B 2 -9.22 -19.12 14.28
C GLY B 2 -8.58 -18.42 13.09
N ARG B 3 -7.27 -18.26 13.12
CA ARG B 3 -6.57 -17.58 12.04
C ARG B 3 -6.70 -18.32 10.71
N GLY B 4 -6.66 -17.56 9.63
CA GLY B 4 -6.94 -18.06 8.29
C GLY B 4 -8.30 -17.55 7.86
OH ALY B 5 -5.37 -10.49 5.28
CH ALY B 5 -6.30 -10.36 4.51
CH3 ALY B 5 -6.36 -9.20 3.53
NZ ALY B 5 -7.33 -11.21 4.43
CE ALY B 5 -7.44 -12.38 5.30
CD ALY B 5 -8.53 -13.35 4.85
CG ALY B 5 -8.51 -14.64 5.66
CB ALY B 5 -9.40 -15.71 5.02
CA ALY B 5 -9.71 -16.86 5.98
N ALY B 5 -8.45 -17.32 6.57
C ALY B 5 -10.39 -17.99 5.25
O ALY B 5 -9.82 -19.08 5.12
N GLY B 6 -11.61 -17.73 4.77
CA GLY B 6 -12.36 -18.71 3.98
C GLY B 6 -12.89 -19.91 4.75
#